data_3IWB
#
_entry.id   3IWB
#
_cell.length_a   104.712
_cell.length_b   104.712
_cell.length_c   69.839
_cell.angle_alpha   90.000
_cell.angle_beta   90.000
_cell.angle_gamma   120.000
#
_symmetry.space_group_name_H-M   'H 3'
#
loop_
_entity.id
_entity.type
_entity.pdbx_description
1 polymer 'S-adenosylmethionine decarboxylase'
2 polymer 'S-adenosylmethionine decarboxylase'
3 water water
#
loop_
_entity_poly.entity_id
_entity_poly.type
_entity_poly.pdbx_seq_one_letter_code
_entity_poly.pdbx_strand_id
1 'polypeptide(L)' MKSLGRHLVAEFYECDREVLDNVQLIEQEMKQAAYESGATIVTSTFHRFLPYGVSGVVVISE B,D
2 'polypeptide(L)' (PYR)HLTIHTWPEYGYAAIDLFTCGEDVDPWKAFEHLKKALKAKRVHVVEHERGRYDEIGIPEDSPHKAAV A,C
#
loop_
_chem_comp.id
_chem_comp.type
_chem_comp.name
_chem_comp.formula
PYR non-polymer 'PYRUVIC ACID' 'C3 H4 O3'
#
# COMPACT_ATOMS: atom_id res chain seq x y z
N LYS A 2 -10.86 -5.70 16.45
CA LYS A 2 -11.36 -7.00 15.93
C LYS A 2 -10.79 -7.35 14.56
N SER A 3 -9.61 -6.82 14.27
CA SER A 3 -8.91 -7.08 13.02
C SER A 3 -7.44 -6.76 13.28
N LEU A 4 -6.55 -7.51 12.65
CA LEU A 4 -5.12 -7.30 12.82
C LEU A 4 -4.72 -5.86 12.47
N GLY A 5 -5.36 -5.29 11.46
CA GLY A 5 -5.02 -3.93 11.07
C GLY A 5 -6.15 -3.06 10.60
N ARG A 6 -5.85 -1.76 10.50
CA ARG A 6 -6.80 -0.76 10.04
C ARG A 6 -6.20 -0.04 8.84
N HIS A 7 -6.93 -0.07 7.72
CA HIS A 7 -6.43 0.48 6.48
C HIS A 7 -7.35 1.53 5.86
N LEU A 8 -6.80 2.73 5.64
CA LEU A 8 -7.56 3.81 5.05
C LEU A 8 -7.13 3.95 3.60
N VAL A 9 -8.08 3.87 2.68
CA VAL A 9 -7.79 4.03 1.26
C VAL A 9 -8.30 5.43 1.01
N ALA A 10 -7.41 6.35 0.68
CA ALA A 10 -7.79 7.74 0.52
C ALA A 10 -7.49 8.46 -0.78
N GLU A 11 -8.51 9.18 -1.24
CA GLU A 11 -8.40 10.00 -2.44
C GLU A 11 -8.29 11.46 -1.98
N PHE A 12 -7.14 12.09 -2.22
CA PHE A 12 -6.92 13.51 -1.87
C PHE A 12 -7.04 14.31 -3.14
N TYR A 13 -7.93 15.30 -3.14
CA TYR A 13 -8.18 16.13 -4.31
C TYR A 13 -7.84 17.60 -4.09
N GLU A 14 -7.56 18.28 -5.18
CA GLU A 14 -7.25 19.70 -5.15
C GLU A 14 -6.19 20.07 -4.12
N CYS A 15 -5.12 19.28 -4.10
CA CYS A 15 -4.01 19.51 -3.18
C CYS A 15 -3.15 20.65 -3.70
N ASP A 16 -2.19 21.08 -2.89
CA ASP A 16 -1.27 22.14 -3.28
C ASP A 16 -0.33 21.41 -4.24
N ARG A 17 -0.38 21.78 -5.51
CA ARG A 17 0.43 21.12 -6.54
C ARG A 17 1.93 21.21 -6.38
N GLU A 18 2.42 22.24 -5.71
CA GLU A 18 3.87 22.35 -5.51
C GLU A 18 4.30 21.26 -4.53
N VAL A 19 3.57 21.14 -3.43
CA VAL A 19 3.88 20.14 -2.41
C VAL A 19 3.89 18.73 -3.02
N LEU A 20 2.87 18.44 -3.82
CA LEU A 20 2.74 17.13 -4.45
C LEU A 20 3.93 16.77 -5.31
N ASP A 21 4.65 17.78 -5.80
CA ASP A 21 5.80 17.51 -6.65
C ASP A 21 7.14 17.74 -5.95
N ASN A 22 7.10 17.82 -4.62
CA ASN A 22 8.30 18.04 -3.82
C ASN A 22 8.62 16.74 -3.07
N VAL A 23 9.56 15.96 -3.60
CA VAL A 23 9.90 14.68 -3.00
C VAL A 23 10.44 14.74 -1.57
N GLN A 24 11.24 15.76 -1.24
CA GLN A 24 11.78 15.86 0.11
C GLN A 24 10.72 16.28 1.13
N LEU A 25 9.75 17.08 0.69
CA LEU A 25 8.68 17.52 1.58
C LEU A 25 7.69 16.38 1.80
N ILE A 26 7.38 15.64 0.75
CA ILE A 26 6.45 14.52 0.90
C ILE A 26 7.03 13.55 1.91
N GLU A 27 8.32 13.26 1.76
CA GLU A 27 8.97 12.34 2.67
C GLU A 27 8.92 12.95 4.07
N GLN A 28 9.17 14.25 4.15
CA GLN A 28 9.14 14.92 5.45
C GLN A 28 7.77 14.75 6.09
N GLU A 29 6.73 15.01 5.31
CA GLU A 29 5.37 14.91 5.79
C GLU A 29 4.91 13.48 6.08
N MET A 30 5.26 12.54 5.20
CA MET A 30 4.87 11.15 5.43
C MET A 30 5.53 10.67 6.72
N LYS A 31 6.80 11.00 6.91
CA LYS A 31 7.47 10.57 8.13
C LYS A 31 6.82 11.19 9.38
N GLN A 32 6.33 12.41 9.24
CA GLN A 32 5.68 13.07 10.38
C GLN A 32 4.36 12.36 10.69
N ALA A 33 3.59 12.08 9.64
CA ALA A 33 2.32 11.39 9.79
C ALA A 33 2.55 10.09 10.53
N ALA A 34 3.68 9.45 10.25
CA ALA A 34 3.99 8.19 10.91
C ALA A 34 4.15 8.48 12.39
N TYR A 35 4.86 9.55 12.71
CA TYR A 35 5.07 9.92 14.11
C TYR A 35 3.72 10.17 14.80
N GLU A 36 2.88 10.98 14.16
CA GLU A 36 1.57 11.31 14.72
C GLU A 36 0.69 10.09 15.00
N SER A 37 0.89 9.12 14.23
CA SER A 37 0.21 7.93 14.45
C SER A 37 0.79 7.00 15.51
N GLY A 38 2.05 7.20 15.88
CA GLY A 38 2.71 6.32 16.85
C GLY A 38 3.56 5.23 16.22
N ALA A 39 3.30 4.96 14.94
CA ALA A 39 3.96 3.96 14.22
C ALA A 39 5.49 4.02 14.29
N THR A 40 6.07 2.83 14.43
CA THR A 40 7.50 2.60 14.48
C THR A 40 7.98 2.31 13.07
N ILE A 41 8.73 3.25 12.54
CA ILE A 41 9.18 3.26 11.17
C ILE A 41 10.21 2.15 10.98
N VAL A 42 9.95 1.30 9.99
CA VAL A 42 10.85 0.20 9.68
C VAL A 42 11.82 0.69 8.60
N THR A 43 11.25 1.28 7.56
CA THR A 43 12.03 1.79 6.45
C THR A 43 11.21 2.78 5.64
N SER A 44 11.90 3.65 4.92
CA SER A 44 11.22 4.66 4.11
C SER A 44 11.92 4.85 2.77
N THR A 45 11.16 4.91 1.68
CA THR A 45 11.74 5.09 0.36
C THR A 45 10.85 5.95 -0.53
N PHE A 46 11.42 7.00 -1.10
CA PHE A 46 10.68 7.93 -1.94
C PHE A 46 11.33 8.22 -3.28
N HIS A 47 10.50 8.36 -4.31
CA HIS A 47 10.98 8.60 -5.67
C HIS A 47 10.36 9.77 -6.41
N ARG A 48 11.19 10.44 -7.19
CA ARG A 48 10.80 11.59 -8.00
C ARG A 48 10.74 11.14 -9.45
N PHE A 49 9.52 11.04 -9.98
CA PHE A 49 9.33 10.62 -11.37
C PHE A 49 9.25 11.87 -12.24
N LEU A 50 9.67 11.75 -13.49
CA LEU A 50 9.64 12.89 -14.40
C LEU A 50 8.61 12.72 -15.51
N PRO A 51 8.01 13.82 -15.97
CA PRO A 51 8.26 15.18 -15.49
C PRO A 51 7.61 15.54 -14.14
N TYR A 52 6.54 14.83 -13.78
CA TYR A 52 5.83 15.10 -12.53
C TYR A 52 5.49 13.82 -11.78
N GLY A 53 5.27 13.94 -10.48
CA GLY A 53 4.89 12.80 -9.68
C GLY A 53 5.89 12.35 -8.63
N VAL A 54 5.37 11.85 -7.52
CA VAL A 54 6.22 11.37 -6.44
C VAL A 54 5.58 10.13 -5.83
N SER A 55 6.36 9.07 -5.73
CA SER A 55 5.89 7.83 -5.12
C SER A 55 6.71 7.61 -3.88
N GLY A 56 6.04 7.32 -2.78
CA GLY A 56 6.76 7.10 -1.54
C GLY A 56 6.03 6.17 -0.61
N VAL A 57 6.81 5.40 0.13
CA VAL A 57 6.24 4.46 1.07
C VAL A 57 7.06 4.37 2.35
N VAL A 58 6.35 4.30 3.46
CA VAL A 58 6.96 4.16 4.76
C VAL A 58 6.44 2.83 5.30
N VAL A 59 7.34 1.87 5.49
CA VAL A 59 6.95 0.59 6.03
C VAL A 59 6.94 0.72 7.55
N ILE A 60 5.80 0.42 8.14
CA ILE A 60 5.63 0.52 9.57
C ILE A 60 5.27 -0.81 10.22
C PYR B 1 2.27 -1.41 7.21
O PYR B 1 3.35 -1.77 6.73
CA PYR B 1 1.76 -2.01 8.38
O3 PYR B 1 2.55 -2.68 9.05
CB PYR B 1 0.40 -1.84 9.01
N HIS B 2 1.65 -0.37 6.64
CA HIS B 2 2.40 0.55 5.79
C HIS B 2 1.66 1.84 5.46
N LEU B 3 2.42 2.85 5.09
CA LEU B 3 1.88 4.15 4.69
C LEU B 3 2.44 4.57 3.33
N THR B 4 1.55 4.81 2.37
CA THR B 4 1.97 5.13 1.00
C THR B 4 1.31 6.36 0.39
N ILE B 5 2.01 6.96 -0.56
CA ILE B 5 1.51 8.11 -1.28
C ILE B 5 2.02 8.08 -2.72
N HIS B 6 1.13 8.39 -3.65
CA HIS B 6 1.47 8.45 -5.06
C HIS B 6 0.77 9.70 -5.55
N THR B 7 1.56 10.71 -5.95
CA THR B 7 0.99 11.96 -6.40
C THR B 7 0.95 12.20 -7.91
N TRP B 8 -0.02 13.03 -8.30
CA TRP B 8 -0.26 13.43 -9.68
C TRP B 8 -0.45 14.96 -9.63
N PRO B 9 0.67 15.70 -9.53
CA PRO B 9 0.68 17.16 -9.47
C PRO B 9 -0.18 17.80 -10.53
N GLU B 10 -0.10 17.27 -11.74
CA GLU B 10 -0.86 17.78 -12.87
C GLU B 10 -2.37 17.72 -12.60
N TYR B 11 -2.79 16.92 -11.62
CA TYR B 11 -4.21 16.82 -11.27
C TYR B 11 -4.50 17.28 -9.84
N GLY B 12 -3.46 17.67 -9.11
CA GLY B 12 -3.65 18.08 -7.73
C GLY B 12 -4.18 16.90 -6.92
N TYR B 13 -3.94 15.71 -7.44
CA TYR B 13 -4.39 14.46 -6.82
C TYR B 13 -3.31 13.61 -6.15
N ALA B 14 -3.68 12.96 -5.05
CA ALA B 14 -2.76 12.08 -4.33
C ALA B 14 -3.50 10.86 -3.85
N ALA B 15 -2.94 9.69 -4.14
CA ALA B 15 -3.53 8.42 -3.70
C ALA B 15 -2.78 8.04 -2.43
N ILE B 16 -3.48 8.11 -1.29
CA ILE B 16 -2.89 7.81 0.00
C ILE B 16 -3.45 6.54 0.65
N ASP B 17 -2.56 5.78 1.29
CA ASP B 17 -2.94 4.55 1.98
C ASP B 17 -2.30 4.55 3.36
N LEU B 18 -3.14 4.42 4.37
CA LEU B 18 -2.65 4.39 5.74
C LEU B 18 -3.11 3.07 6.37
N PHE B 19 -2.22 2.09 6.29
CA PHE B 19 -2.50 0.73 6.75
C PHE B 19 -1.69 0.55 8.02
N THR B 20 -2.39 0.49 9.15
CA THR B 20 -1.76 0.39 10.45
C THR B 20 -2.06 -0.97 11.09
N CYS B 21 -1.36 -1.27 12.17
CA CYS B 21 -1.58 -2.49 12.94
C CYS B 21 -1.34 -2.26 14.44
N GLY B 22 -2.34 -2.57 15.26
CA GLY B 22 -2.25 -2.41 16.69
C GLY B 22 -3.18 -1.33 17.22
N GLU B 23 -3.71 -1.57 18.41
CA GLU B 23 -4.63 -0.61 19.04
C GLU B 23 -4.01 0.72 19.46
N ASP B 24 -2.69 0.79 19.54
CA ASP B 24 -2.04 2.03 19.93
C ASP B 24 -1.59 2.87 18.74
N VAL B 25 -1.85 2.36 17.54
CA VAL B 25 -1.50 3.05 16.30
C VAL B 25 -2.79 3.51 15.59
N ASP B 26 -2.97 4.82 15.46
CA ASP B 26 -4.17 5.38 14.85
C ASP B 26 -3.90 5.96 13.46
N PRO B 27 -4.36 5.30 12.40
CA PRO B 27 -4.14 5.80 11.04
C PRO B 27 -4.79 7.14 10.77
N TRP B 28 -5.80 7.49 11.57
CA TRP B 28 -6.48 8.75 11.38
C TRP B 28 -5.63 9.96 11.74
N LYS B 29 -4.66 9.78 12.63
CA LYS B 29 -3.76 10.89 12.97
C LYS B 29 -2.88 11.15 11.75
N ALA B 30 -2.49 10.06 11.07
CA ALA B 30 -1.68 10.17 9.87
C ALA B 30 -2.48 10.92 8.83
N PHE B 31 -3.77 10.60 8.73
CA PHE B 31 -4.65 11.26 7.76
C PHE B 31 -4.77 12.76 8.03
N GLU B 32 -4.95 13.11 9.30
CA GLU B 32 -5.10 14.51 9.67
C GLU B 32 -3.85 15.32 9.34
N HIS B 33 -2.67 14.79 9.66
CA HIS B 33 -1.45 15.52 9.34
C HIS B 33 -1.25 15.67 7.83
N LEU B 34 -1.59 14.65 7.06
CA LEU B 34 -1.40 14.73 5.61
C LEU B 34 -2.43 15.65 4.93
N LYS B 35 -3.70 15.57 5.33
CA LYS B 35 -4.72 16.45 4.73
C LYS B 35 -4.29 17.91 4.87
N LYS B 36 -3.71 18.24 6.02
CA LYS B 36 -3.22 19.58 6.32
C LYS B 36 -2.00 19.92 5.48
N ALA B 37 -0.95 19.12 5.65
CA ALA B 37 0.31 19.30 4.93
C ALA B 37 0.14 19.44 3.43
N LEU B 38 -0.78 18.66 2.86
CA LEU B 38 -1.02 18.69 1.43
C LEU B 38 -2.10 19.67 1.01
N LYS B 39 -2.80 20.22 2.00
CA LYS B 39 -3.85 21.19 1.72
C LYS B 39 -4.95 20.68 0.79
N ALA B 40 -5.36 19.43 0.96
CA ALA B 40 -6.44 18.88 0.13
C ALA B 40 -7.73 19.62 0.45
N LYS B 41 -8.52 19.95 -0.56
CA LYS B 41 -9.78 20.66 -0.32
C LYS B 41 -10.94 19.68 -0.36
N ARG B 42 -10.66 18.46 -0.79
CA ARG B 42 -11.68 17.44 -0.89
C ARG B 42 -11.06 16.06 -0.74
N VAL B 43 -11.67 15.23 0.09
CA VAL B 43 -11.16 13.88 0.31
C VAL B 43 -12.26 12.85 0.40
N HIS B 44 -11.90 11.62 0.05
CA HIS B 44 -12.80 10.49 0.11
C HIS B 44 -11.98 9.37 0.74
N VAL B 45 -12.47 8.81 1.84
CA VAL B 45 -11.73 7.75 2.50
C VAL B 45 -12.53 6.49 2.81
N VAL B 46 -11.92 5.34 2.50
CA VAL B 46 -12.51 4.05 2.77
C VAL B 46 -11.66 3.42 3.88
N GLU B 47 -12.32 2.87 4.90
CA GLU B 47 -11.60 2.23 5.98
C GLU B 47 -11.81 0.70 5.95
N HIS B 48 -10.72 -0.01 5.75
CA HIS B 48 -10.80 -1.47 5.71
C HIS B 48 -10.29 -2.13 6.98
N GLU B 49 -10.97 -3.19 7.38
CA GLU B 49 -10.54 -3.95 8.55
C GLU B 49 -9.70 -5.09 7.93
N ARG B 50 -8.38 -5.03 8.11
CA ARG B 50 -7.54 -6.06 7.55
C ARG B 50 -7.30 -7.16 8.59
N GLY B 51 -7.51 -8.42 8.18
CA GLY B 51 -7.32 -9.53 9.08
C GLY B 51 -8.30 -9.55 10.23
N ARG B 52 -9.59 -9.61 9.90
CA ARG B 52 -10.64 -9.67 10.91
C ARG B 52 -10.52 -10.97 11.70
N TYR B 53 -10.60 -10.87 13.03
CA TYR B 53 -10.44 -12.05 13.87
C TYR B 53 -11.35 -13.22 13.49
N ASP B 54 -12.60 -12.92 13.18
CA ASP B 54 -13.54 -13.99 12.81
C ASP B 54 -13.22 -14.55 11.43
N GLU B 55 -12.59 -13.75 10.58
CA GLU B 55 -12.22 -14.21 9.27
C GLU B 55 -11.08 -15.19 9.43
N ILE B 56 -10.08 -14.79 10.20
CA ILE B 56 -8.93 -15.65 10.46
C ILE B 56 -9.22 -16.56 11.64
N LYS C 2 -10.48 5.18 -17.39
CA LYS C 2 -11.53 5.27 -16.33
C LYS C 2 -10.96 5.90 -15.06
N SER C 3 -9.76 5.46 -14.67
CA SER C 3 -9.10 5.97 -13.48
C SER C 3 -7.60 5.93 -13.69
N LEU C 4 -6.86 6.67 -12.89
CA LEU C 4 -5.40 6.68 -13.00
C LEU C 4 -4.82 5.32 -12.63
N GLY C 5 -5.56 4.54 -11.85
CA GLY C 5 -5.06 3.24 -11.48
C GLY C 5 -6.12 2.27 -10.98
N ARG C 6 -5.73 1.00 -10.90
CA ARG C 6 -6.59 -0.07 -10.42
C ARG C 6 -5.96 -0.56 -9.13
N HIS C 7 -6.77 -0.82 -8.12
CA HIS C 7 -6.23 -1.23 -6.83
C HIS C 7 -6.93 -2.42 -6.19
N LEU C 8 -6.20 -3.52 -6.06
CA LEU C 8 -6.76 -4.71 -5.43
C LEU C 8 -6.34 -4.83 -3.97
N VAL C 9 -7.34 -4.91 -3.10
CA VAL C 9 -7.13 -5.07 -1.67
C VAL C 9 -7.56 -6.51 -1.39
N ALA C 10 -6.60 -7.37 -1.12
CA ALA C 10 -6.94 -8.77 -0.90
C ALA C 10 -6.55 -9.36 0.45
N GLU C 11 -7.43 -10.23 0.93
CA GLU C 11 -7.22 -10.96 2.17
C GLU C 11 -6.94 -12.39 1.68
N PHE C 12 -5.80 -12.95 2.09
CA PHE C 12 -5.45 -14.32 1.73
C PHE C 12 -5.51 -15.11 3.01
N TYR C 13 -6.30 -16.18 3.02
CA TYR C 13 -6.45 -17.03 4.20
C TYR C 13 -5.91 -18.43 3.90
N GLU C 14 -5.56 -19.15 4.97
CA GLU C 14 -5.05 -20.53 4.86
C GLU C 14 -3.93 -20.67 3.84
N CYS C 15 -2.87 -19.89 4.01
CA CYS C 15 -1.73 -19.95 3.09
C CYS C 15 -0.67 -20.91 3.64
N ASP C 16 0.30 -21.24 2.80
CA ASP C 16 1.41 -22.11 3.22
C ASP C 16 2.17 -21.28 4.24
N ARG C 17 2.18 -21.72 5.49
CA ARG C 17 2.85 -20.94 6.52
C ARG C 17 4.36 -20.87 6.42
N GLU C 18 4.96 -21.85 5.75
CA GLU C 18 6.40 -21.85 5.51
C GLU C 18 6.71 -20.79 4.45
N VAL C 19 5.75 -20.58 3.56
CA VAL C 19 5.87 -19.55 2.53
C VAL C 19 5.69 -18.17 3.16
N LEU C 20 4.68 -18.05 4.02
CA LEU C 20 4.40 -16.76 4.67
C LEU C 20 5.55 -16.26 5.53
N ASP C 21 6.32 -17.18 6.11
CA ASP C 21 7.44 -16.79 6.95
C ASP C 21 8.80 -16.96 6.28
N ASN C 22 8.87 -16.61 5.00
CA ASN C 22 10.12 -16.70 4.27
C ASN C 22 10.37 -15.40 3.56
N VAL C 23 11.10 -14.51 4.22
CA VAL C 23 11.37 -13.19 3.67
C VAL C 23 11.94 -13.22 2.26
N GLN C 24 12.92 -14.09 2.01
CA GLN C 24 13.54 -14.15 0.69
C GLN C 24 12.58 -14.66 -0.37
N LEU C 25 11.84 -15.73 -0.07
CA LEU C 25 10.90 -16.26 -1.05
C LEU C 25 9.80 -15.24 -1.36
N ILE C 26 9.16 -14.69 -0.34
CA ILE C 26 8.12 -13.70 -0.55
C ILE C 26 8.60 -12.60 -1.50
N GLU C 27 9.81 -12.10 -1.29
CA GLU C 27 10.31 -11.05 -2.18
C GLU C 27 10.38 -11.55 -3.61
N GLN C 28 10.83 -12.77 -3.74
CA GLN C 28 10.94 -13.37 -5.03
C GLN C 28 9.61 -13.41 -5.73
N GLU C 29 8.71 -14.02 -5.03
CA GLU C 29 7.35 -14.14 -5.52
C GLU C 29 6.73 -12.77 -5.81
N MET C 30 6.86 -11.85 -4.86
CA MET C 30 6.31 -10.52 -5.05
C MET C 30 6.92 -9.88 -6.29
N LYS C 31 8.22 -10.02 -6.47
CA LYS C 31 8.87 -9.45 -7.64
C LYS C 31 8.31 -10.07 -8.92
N GLN C 32 8.17 -11.39 -8.93
CA GLN C 32 7.65 -12.08 -10.10
C GLN C 32 6.23 -11.64 -10.39
N ALA C 33 5.42 -11.48 -9.34
CA ALA C 33 4.04 -11.04 -9.51
C ALA C 33 4.02 -9.71 -10.25
N ALA C 34 4.96 -8.84 -9.90
CA ALA C 34 5.04 -7.54 -10.56
C ALA C 34 5.31 -7.76 -12.04
N TYR C 35 6.22 -8.67 -12.35
CA TYR C 35 6.56 -8.98 -13.74
C TYR C 35 5.35 -9.45 -14.54
N GLU C 36 4.56 -10.34 -13.93
CA GLU C 36 3.37 -10.88 -14.60
C GLU C 36 2.35 -9.80 -14.97
N SER C 37 2.15 -8.83 -14.07
CA SER C 37 1.22 -7.75 -14.34
C SER C 37 1.73 -6.87 -15.47
N GLY C 38 3.00 -7.02 -15.84
CA GLY C 38 3.57 -6.24 -16.92
C GLY C 38 4.06 -4.87 -16.47
N ALA C 39 4.25 -4.71 -15.18
CA ALA C 39 4.72 -3.44 -14.62
C ALA C 39 6.23 -3.44 -14.50
N THR C 40 6.80 -2.24 -14.39
CA THR C 40 8.24 -2.06 -14.25
C THR C 40 8.54 -1.79 -12.77
N ILE C 41 9.46 -2.57 -12.19
CA ILE C 41 9.84 -2.40 -10.79
C ILE C 41 10.84 -1.26 -10.59
N VAL C 42 10.50 -0.33 -9.70
CA VAL C 42 11.37 0.79 -9.40
C VAL C 42 12.29 0.37 -8.24
N THR C 43 11.70 -0.22 -7.21
CA THR C 43 12.48 -0.65 -6.07
C THR C 43 11.67 -1.64 -5.25
N SER C 44 12.35 -2.37 -4.37
CA SER C 44 11.69 -3.34 -3.51
C SER C 44 12.44 -3.44 -2.19
N THR C 45 11.70 -3.52 -1.11
CA THR C 45 12.30 -3.61 0.20
C THR C 45 11.44 -4.52 1.03
N PHE C 46 12.03 -5.64 1.43
CA PHE C 46 11.31 -6.62 2.24
C PHE C 46 11.93 -6.78 3.60
N HIS C 47 11.08 -6.96 4.61
CA HIS C 47 11.56 -7.09 5.96
C HIS C 47 10.93 -8.26 6.68
N ARG C 48 11.72 -8.91 7.52
CA ARG C 48 11.27 -10.06 8.26
C ARG C 48 10.95 -9.66 9.69
N PHE C 49 9.67 -9.49 9.99
CA PHE C 49 9.27 -9.12 11.33
C PHE C 49 9.60 -10.25 12.29
N LEU C 50 9.63 -9.91 13.57
CA LEU C 50 9.95 -10.87 14.62
C LEU C 50 8.81 -10.94 15.64
N PRO C 51 8.38 -12.15 16.02
CA PRO C 51 8.90 -13.44 15.56
C PRO C 51 8.52 -13.76 14.12
N TYR C 52 7.39 -14.45 13.96
CA TYR C 52 6.90 -14.84 12.66
C TYR C 52 6.26 -13.64 11.96
N GLY C 53 6.52 -13.53 10.66
CA GLY C 53 5.95 -12.42 9.91
C GLY C 53 6.85 -11.85 8.84
N VAL C 54 6.26 -11.42 7.74
CA VAL C 54 7.01 -10.83 6.64
C VAL C 54 6.25 -9.60 6.15
N SER C 55 6.99 -8.54 5.83
CA SER C 55 6.41 -7.30 5.32
C SER C 55 7.30 -6.85 4.20
N GLY C 56 6.70 -6.46 3.08
CA GLY C 56 7.50 -6.02 1.96
C GLY C 56 6.69 -5.21 0.97
N VAL C 57 7.39 -4.34 0.25
CA VAL C 57 6.74 -3.50 -0.74
C VAL C 57 7.54 -3.45 -2.01
N VAL C 58 6.83 -3.40 -3.13
CA VAL C 58 7.47 -3.30 -4.42
C VAL C 58 6.89 -2.09 -5.14
N VAL C 59 7.71 -1.05 -5.28
CA VAL C 59 7.27 0.16 -5.96
C VAL C 59 7.39 -0.09 -7.46
N ILE C 60 6.36 0.26 -8.20
CA ILE C 60 6.35 0.08 -9.66
C ILE C 60 6.02 1.42 -10.30
C PYR D 1 2.97 1.40 -7.10
O PYR D 1 4.10 1.64 -6.66
CA PYR D 1 2.50 2.05 -8.27
O3 PYR D 1 3.33 2.63 -8.97
CB PYR D 1 1.12 2.01 -8.87
N HIS D 2 2.30 0.35 -6.57
CA HIS D 2 2.98 -0.55 -5.65
C HIS D 2 2.24 -1.86 -5.39
N LEU D 3 2.99 -2.84 -4.91
CA LEU D 3 2.47 -4.13 -4.54
C LEU D 3 3.03 -4.32 -3.13
N THR D 4 2.16 -4.61 -2.19
CA THR D 4 2.58 -4.79 -0.80
C THR D 4 2.05 -6.08 -0.24
N ILE D 5 2.66 -6.53 0.85
CA ILE D 5 2.25 -7.76 1.50
C ILE D 5 2.71 -7.75 2.94
N HIS D 6 1.82 -8.20 3.82
CA HIS D 6 2.12 -8.29 5.23
C HIS D 6 1.53 -9.63 5.67
N THR D 7 2.40 -10.51 6.18
CA THR D 7 1.95 -11.84 6.57
C THR D 7 2.00 -12.13 8.06
N TRP D 8 1.02 -12.78 8.39
CA TRP D 8 0.91 -13.34 9.73
C TRP D 8 1.01 -14.87 9.69
N PRO D 9 2.21 -15.56 9.71
CA PRO D 9 2.45 -17.00 9.65
C PRO D 9 1.61 -17.80 10.63
N GLU D 10 1.53 -17.30 11.86
CA GLU D 10 0.78 -17.96 12.92
C GLU D 10 -0.70 -18.17 12.59
N TYR D 11 -1.24 -17.34 11.69
CA TYR D 11 -2.64 -17.44 11.30
C TYR D 11 -2.84 -17.86 9.84
N GLY D 12 -1.73 -18.06 9.13
CA GLY D 12 -1.81 -18.44 7.73
C GLY D 12 -2.52 -17.36 6.94
N TYR D 13 -2.32 -16.12 7.37
CA TYR D 13 -2.99 -14.97 6.75
C TYR D 13 -2.03 -13.95 6.14
N ALA D 14 -2.42 -13.39 5.00
CA ALA D 14 -1.61 -12.39 4.34
C ALA D 14 -2.48 -11.26 3.79
N ALA D 15 -2.12 -10.04 4.13
CA ALA D 15 -2.84 -8.87 3.63
C ALA D 15 -2.03 -8.39 2.43
N ILE D 16 -2.67 -8.37 1.27
CA ILE D 16 -1.99 -7.97 0.03
C ILE D 16 -2.66 -6.81 -0.72
N ASP D 17 -1.84 -5.92 -1.26
CA ASP D 17 -2.34 -4.79 -2.04
C ASP D 17 -1.64 -4.72 -3.38
N LEU D 18 -2.44 -4.67 -4.44
CA LEU D 18 -1.93 -4.64 -5.79
C LEU D 18 -2.53 -3.41 -6.45
N PHE D 19 -1.78 -2.32 -6.38
CA PHE D 19 -2.18 -1.02 -6.92
C PHE D 19 -1.28 -0.70 -8.10
N THR D 20 -1.87 -0.71 -9.28
CA THR D 20 -1.15 -0.44 -10.53
C THR D 20 -1.76 0.70 -11.33
N CYS D 21 -1.02 1.16 -12.34
CA CYS D 21 -1.47 2.23 -13.22
C CYS D 21 -1.20 1.84 -14.66
N GLY D 22 -1.86 2.50 -15.61
CA GLY D 22 -1.64 2.17 -17.01
C GLY D 22 -2.49 0.99 -17.45
N GLU D 23 -3.02 1.09 -18.67
CA GLU D 23 -3.86 0.04 -19.23
C GLU D 23 -3.09 -1.23 -19.50
N ASP D 24 -1.78 -1.09 -19.66
CA ASP D 24 -0.91 -2.22 -19.95
C ASP D 24 -0.48 -2.98 -18.69
N VAL D 25 -1.05 -2.59 -17.55
CA VAL D 25 -0.72 -3.21 -16.29
C VAL D 25 -1.97 -3.79 -15.63
N ASP D 26 -2.04 -5.12 -15.61
CA ASP D 26 -3.20 -5.81 -15.04
C ASP D 26 -2.88 -6.32 -13.64
N PRO D 27 -3.57 -5.76 -12.65
CA PRO D 27 -3.33 -6.18 -11.27
C PRO D 27 -3.72 -7.62 -10.98
N TRP D 28 -4.66 -8.16 -11.75
CA TRP D 28 -5.11 -9.53 -11.55
C TRP D 28 -4.08 -10.58 -11.96
N LYS D 29 -3.08 -10.16 -12.73
CA LYS D 29 -2.01 -11.05 -13.14
C LYS D 29 -1.05 -11.21 -11.97
N ALA D 30 -0.99 -10.18 -11.13
CA ALA D 30 -0.17 -10.23 -9.92
C ALA D 30 -0.88 -11.10 -8.89
N PHE D 31 -2.19 -10.90 -8.75
CA PHE D 31 -3.00 -11.67 -7.81
C PHE D 31 -2.87 -13.17 -8.08
N GLU D 32 -3.08 -13.55 -9.33
CA GLU D 32 -3.01 -14.96 -9.70
C GLU D 32 -1.70 -15.63 -9.34
N HIS D 33 -0.59 -14.93 -9.58
CA HIS D 33 0.74 -15.46 -9.27
C HIS D 33 0.84 -15.68 -7.76
N LEU D 34 0.48 -14.65 -7.01
CA LEU D 34 0.53 -14.73 -5.57
C LEU D 34 -0.37 -15.82 -5.02
N LYS D 35 -1.57 -15.96 -5.55
CA LYS D 35 -2.48 -16.99 -5.06
C LYS D 35 -1.78 -18.35 -5.17
N LYS D 36 -1.17 -18.61 -6.33
CA LYS D 36 -0.44 -19.86 -6.54
C LYS D 36 0.72 -19.98 -5.56
N ALA D 37 1.53 -18.93 -5.50
CA ALA D 37 2.71 -18.87 -4.63
C ALA D 37 2.47 -19.13 -3.15
N LEU D 38 1.41 -18.62 -2.57
CA LEU D 38 0.98 -18.69 -1.18
C LEU D 38 0.15 -19.95 -0.92
N LYS D 39 -0.42 -20.61 -1.92
CA LYS D 39 -1.29 -21.75 -1.67
C LYS D 39 -2.57 -21.32 -0.97
N ALA D 40 -2.88 -20.04 -1.08
CA ALA D 40 -4.08 -19.46 -0.47
C ALA D 40 -5.31 -20.28 -0.79
N LYS D 41 -6.09 -20.58 0.23
CA LYS D 41 -7.27 -21.37 0.08
C LYS D 41 -8.64 -20.72 0.10
N ARG D 42 -8.60 -19.49 0.40
CA ARG D 42 -9.79 -18.66 0.50
C ARG D 42 -9.32 -17.22 0.36
N VAL D 43 -9.89 -16.50 -0.59
CA VAL D 43 -9.50 -15.12 -0.78
C VAL D 43 -10.71 -14.22 -0.89
N HIS D 44 -10.47 -12.95 -0.64
CA HIS D 44 -11.50 -11.93 -0.71
C HIS D 44 -10.77 -10.74 -1.29
N VAL D 45 -11.27 -10.24 -2.40
CA VAL D 45 -10.65 -9.10 -3.06
C VAL D 45 -11.65 -8.02 -3.40
N VAL D 46 -11.29 -6.77 -3.08
CA VAL D 46 -12.12 -5.64 -3.41
C VAL D 46 -11.30 -4.78 -4.38
N GLU D 47 -11.87 -4.50 -5.55
CA GLU D 47 -11.15 -3.68 -6.52
C GLU D 47 -11.57 -2.22 -6.38
N HIS D 48 -10.57 -1.36 -6.16
CA HIS D 48 -10.79 0.08 -6.03
C HIS D 48 -10.28 0.80 -7.26
N GLU D 49 -11.00 1.84 -7.67
CA GLU D 49 -10.57 2.65 -8.79
C GLU D 49 -9.90 3.83 -8.13
N ARG D 50 -8.60 4.02 -8.39
CA ARG D 50 -7.89 5.13 -7.79
C ARG D 50 -7.79 6.28 -8.79
N GLY D 51 -8.29 7.43 -8.35
CA GLY D 51 -8.27 8.61 -9.19
C GLY D 51 -9.15 8.52 -10.42
N ARG D 52 -10.46 8.42 -10.22
CA ARG D 52 -11.40 8.37 -11.34
C ARG D 52 -11.25 9.67 -12.13
N TYR D 53 -11.42 9.59 -13.44
CA TYR D 53 -11.30 10.79 -14.27
C TYR D 53 -12.41 11.77 -13.94
N ASP D 54 -13.61 11.25 -13.71
CA ASP D 54 -14.75 12.09 -13.38
C ASP D 54 -14.70 12.63 -11.95
N GLU D 55 -13.54 12.49 -11.29
CA GLU D 55 -13.37 12.98 -9.93
C GLU D 55 -12.26 14.02 -9.88
N ILE D 56 -11.26 13.86 -10.74
CA ILE D 56 -10.14 14.79 -10.78
C ILE D 56 -10.34 15.88 -11.82
#